data_1AO5
#
_entry.id   1AO5
#
_cell.length_a   73.750
_cell.length_b   73.750
_cell.length_c   192.710
_cell.angle_alpha   90.00
_cell.angle_beta   90.00
_cell.angle_gamma   90.00
#
_symmetry.space_group_name_H-M   'P 43 21 2'
#
loop_
_entity.id
_entity.type
_entity.pdbx_description
1 polymer 'GLANDULAR KALLIKREIN-13'
2 branched 2-acetamido-2-deoxy-beta-D-glucopyranose-(1-4)-2-acetamido-2-deoxy-beta-D-glucopyranose
3 water water
#
_entity_poly.entity_id   1
_entity_poly.type   'polypeptide(L)'
_entity_poly.pdbx_seq_one_letter_code
;VVGGFNCEKNSQPWQVAVYYQKEHICGGVLLDRNWVLTAAHCYVDQYEVWLGKNKLFQEEPSAQHRLVSKSFPHPGFNMS
LLMLQTIPPGADFSDDLMLLRLSKPADITDVVKPIALPTKEPKPGSKCLASGWGSITPTRWQKPDDLQCVFITLLPNENC
AKVYLQKVTDVMLCAGEMGGGKDTCRDDSGGPLICDGILQGTTSYGPVPCGKPGVPAIYTNLIKFNSWIKDTMMKNA
;
_entity_poly.pdbx_strand_id   A,B
#
# COMPACT_ATOMS: atom_id res chain seq x y z
N VAL A 1 10.46 13.12 -8.83
CA VAL A 1 11.60 13.42 -7.96
C VAL A 1 11.31 14.79 -7.36
N VAL A 2 11.91 15.06 -6.22
CA VAL A 2 11.73 16.32 -5.52
C VAL A 2 12.97 17.19 -5.68
N GLY A 3 12.74 18.47 -5.97
CA GLY A 3 13.83 19.43 -6.10
C GLY A 3 14.78 19.20 -7.27
N GLY A 4 14.25 18.64 -8.34
CA GLY A 4 15.05 18.40 -9.52
C GLY A 4 14.76 19.40 -10.62
N PHE A 5 14.90 18.95 -11.85
CA PHE A 5 14.67 19.77 -13.03
C PHE A 5 14.25 18.88 -14.21
N ASN A 6 13.65 19.49 -15.22
CA ASN A 6 13.23 18.72 -16.38
C ASN A 6 14.47 18.22 -17.06
N CYS A 7 14.61 16.90 -17.17
CA CYS A 7 15.76 16.31 -17.85
C CYS A 7 15.75 16.84 -19.26
N GLU A 8 16.94 17.10 -19.80
CA GLU A 8 17.05 17.60 -21.15
C GLU A 8 16.41 16.57 -22.06
N LYS A 9 15.92 17.03 -23.19
CA LYS A 9 15.24 16.18 -24.14
C LYS A 9 16.07 15.01 -24.70
N ASN A 10 15.57 13.81 -24.48
CA ASN A 10 16.19 12.57 -24.95
C ASN A 10 17.56 12.23 -24.38
N SER A 11 17.96 12.95 -23.34
CA SER A 11 19.24 12.71 -22.71
C SER A 11 19.36 11.32 -22.04
N GLN A 12 18.24 10.79 -21.56
CA GLN A 12 18.24 9.49 -20.89
C GLN A 12 17.45 8.44 -21.69
N PRO A 13 17.97 7.97 -22.85
CA PRO A 13 17.25 6.97 -23.66
C PRO A 13 16.99 5.63 -22.96
N TRP A 14 17.67 5.41 -21.85
CA TRP A 14 17.55 4.19 -21.06
C TRP A 14 16.39 4.18 -20.03
N GLN A 15 15.89 5.37 -19.69
CA GLN A 15 14.79 5.50 -18.73
C GLN A 15 13.54 4.78 -19.23
N VAL A 16 13.03 3.85 -18.43
CA VAL A 16 11.83 3.12 -18.83
C VAL A 16 10.64 3.54 -17.99
N ALA A 17 9.49 3.70 -18.63
CA ALA A 17 8.25 4.08 -17.92
C ALA A 17 7.35 2.83 -17.88
N VAL A 18 7.34 2.17 -16.73
CA VAL A 18 6.55 0.97 -16.51
C VAL A 18 5.10 1.29 -16.14
N TYR A 19 4.20 0.93 -17.06
CA TYR A 19 2.76 1.14 -16.92
C TYR A 19 1.98 -0.11 -16.49
N TYR A 20 0.73 0.11 -16.11
CA TYR A 20 -0.20 -0.96 -15.77
C TYR A 20 -1.53 -0.38 -16.20
N GLN A 21 -2.03 -0.89 -17.33
CA GLN A 21 -3.27 -0.40 -17.93
C GLN A 21 -2.89 0.95 -18.55
N LYS A 22 -3.64 2.01 -18.27
CA LYS A 22 -3.32 3.33 -18.81
C LYS A 22 -2.45 4.20 -17.92
N GLU A 23 -2.08 3.70 -16.74
CA GLU A 23 -1.30 4.51 -15.82
C GLU A 23 0.11 4.06 -15.46
N HIS A 24 1.01 5.04 -15.38
CA HIS A 24 2.41 4.81 -15.03
C HIS A 24 2.47 4.43 -13.54
N ILE A 25 3.32 3.46 -13.21
CA ILE A 25 3.43 3.06 -11.82
C ILE A 25 4.86 3.06 -11.29
N CYS A 26 5.81 2.83 -12.19
CA CYS A 26 7.21 2.75 -11.83
C CYS A 26 8.17 3.16 -12.97
N GLY A 27 9.46 3.09 -12.66
CA GLY A 27 10.50 3.42 -13.62
C GLY A 27 11.35 2.17 -13.80
N GLY A 28 12.33 2.25 -14.67
CA GLY A 28 13.17 1.10 -14.90
C GLY A 28 14.31 1.47 -15.81
N VAL A 29 15.18 0.51 -16.05
CA VAL A 29 16.35 0.73 -16.88
C VAL A 29 16.49 -0.27 -18.03
N LEU A 30 16.68 0.25 -19.24
CA LEU A 30 16.85 -0.58 -20.45
C LEU A 30 18.24 -1.19 -20.48
N LEU A 31 18.35 -2.51 -20.35
CA LEU A 31 19.66 -3.15 -20.36
C LEU A 31 19.98 -3.90 -21.65
N ASP A 32 18.96 -4.14 -22.47
CA ASP A 32 19.15 -4.91 -23.68
C ASP A 32 17.99 -4.62 -24.62
N ARG A 33 17.98 -5.24 -25.79
CA ARG A 33 16.89 -5.05 -26.73
C ARG A 33 15.61 -5.65 -26.17
N ASN A 34 15.73 -6.73 -25.40
CA ASN A 34 14.56 -7.39 -24.82
C ASN A 34 14.67 -7.64 -23.32
N TRP A 35 15.25 -6.68 -22.58
CA TRP A 35 15.41 -6.80 -21.12
C TRP A 35 15.37 -5.45 -20.39
N VAL A 36 14.45 -5.33 -19.43
CA VAL A 36 14.26 -4.12 -18.63
C VAL A 36 14.38 -4.47 -17.14
N LEU A 37 15.06 -3.62 -16.38
CA LEU A 37 15.25 -3.86 -14.94
C LEU A 37 14.42 -2.88 -14.15
N THR A 38 13.89 -3.33 -13.02
CA THR A 38 13.06 -2.48 -12.16
C THR A 38 13.04 -3.03 -10.73
N ALA A 39 12.20 -2.44 -9.88
CA ALA A 39 12.11 -2.87 -8.50
C ALA A 39 11.14 -4.02 -8.28
N ALA A 40 11.58 -5.01 -7.50
CA ALA A 40 10.73 -6.16 -7.19
C ALA A 40 9.42 -5.72 -6.57
N HIS A 41 9.43 -4.60 -5.85
CA HIS A 41 8.19 -4.15 -5.24
C HIS A 41 7.17 -3.52 -6.21
N CYS A 42 7.51 -3.43 -7.49
CA CYS A 42 6.57 -2.90 -8.50
C CYS A 42 5.80 -4.11 -8.99
N TYR A 43 5.14 -4.78 -8.05
CA TYR A 43 4.39 -5.99 -8.32
C TYR A 43 2.95 -5.79 -8.77
N VAL A 44 2.66 -6.24 -9.99
CA VAL A 44 1.31 -6.20 -10.58
C VAL A 44 1.19 -7.51 -11.40
N ASP A 45 0.01 -7.80 -11.94
CA ASP A 45 -0.14 -9.04 -12.71
C ASP A 45 0.36 -8.95 -14.16
N GLN A 46 -0.03 -7.88 -14.85
CA GLN A 46 0.38 -7.66 -16.24
C GLN A 46 1.32 -6.45 -16.28
N TYR A 47 2.30 -6.48 -17.19
CA TYR A 47 3.28 -5.40 -17.32
C TYR A 47 3.40 -4.83 -18.74
N GLU A 48 3.53 -3.51 -18.81
CA GLU A 48 3.67 -2.78 -20.07
C GLU A 48 4.76 -1.73 -19.91
N VAL A 49 5.57 -1.51 -20.94
CA VAL A 49 6.63 -0.51 -20.87
C VAL A 49 6.53 0.51 -22.02
N TRP A 50 7.07 1.70 -21.79
CA TRP A 50 7.11 2.76 -22.79
C TRP A 50 8.57 3.22 -22.80
N LEU A 51 9.13 3.37 -23.99
CA LEU A 51 10.54 3.76 -24.12
C LEU A 51 10.72 5.00 -25.00
N GLY A 52 11.67 5.85 -24.63
CA GLY A 52 11.95 7.05 -25.41
C GLY A 52 10.90 8.09 -25.07
N LYS A 53 10.35 7.95 -23.87
CA LYS A 53 9.33 8.86 -23.41
C LYS A 53 9.98 10.03 -22.71
N ASN A 54 9.37 11.19 -22.86
CA ASN A 54 9.85 12.43 -22.23
C ASN A 54 8.64 12.97 -21.45
N LYS A 55 7.51 13.07 -22.15
CA LYS A 55 6.27 13.53 -21.57
C LYS A 55 5.47 12.31 -21.12
N LEU A 56 4.64 12.47 -20.11
CA LEU A 56 3.85 11.37 -19.63
C LEU A 56 2.47 11.49 -20.23
N PHE A 57 2.14 12.70 -20.64
CA PHE A 57 0.84 12.99 -21.24
C PHE A 57 0.98 13.44 -22.69
N GLN A 58 1.73 12.70 -23.52
CA GLN A 58 1.87 13.10 -24.90
C GLN A 58 2.38 12.02 -25.83
N GLU A 59 1.65 11.82 -26.94
CA GLU A 59 2.02 10.82 -27.93
C GLU A 59 3.35 11.26 -28.54
N GLU A 60 4.35 10.42 -28.42
CA GLU A 60 5.66 10.70 -28.98
C GLU A 60 5.93 9.55 -29.92
N PRO A 61 6.10 9.85 -31.21
CA PRO A 61 6.35 8.85 -32.25
C PRO A 61 7.75 8.20 -32.14
N SER A 62 8.68 8.90 -31.50
CA SER A 62 10.02 8.34 -31.36
C SER A 62 9.88 7.24 -30.34
N ALA A 63 8.90 7.42 -29.44
CA ALA A 63 8.60 6.50 -28.35
C ALA A 63 8.14 5.13 -28.82
N GLN A 64 8.57 4.13 -28.06
CA GLN A 64 8.22 2.76 -28.37
C GLN A 64 7.44 2.13 -27.25
N HIS A 65 6.32 1.51 -27.61
CA HIS A 65 5.48 0.84 -26.64
C HIS A 65 5.72 -0.67 -26.80
N ARG A 66 5.63 -1.41 -25.71
CA ARG A 66 5.83 -2.86 -25.75
C ARG A 66 4.95 -3.58 -24.74
N LEU A 67 5.34 -4.82 -24.46
CA LEU A 67 4.65 -5.69 -23.52
C LEU A 67 5.72 -6.61 -22.96
N VAL A 68 5.46 -7.16 -21.77
CA VAL A 68 6.38 -8.06 -21.08
C VAL A 68 5.87 -9.50 -21.12
N SER A 69 6.71 -10.45 -21.55
CA SER A 69 6.33 -11.85 -21.62
C SER A 69 6.42 -12.56 -20.25
N LYS A 70 7.58 -12.44 -19.60
CA LYS A 70 7.83 -13.06 -18.29
C LYS A 70 8.59 -12.11 -17.37
N SER A 71 8.26 -12.13 -16.07
CA SER A 71 8.96 -11.28 -15.11
C SER A 71 9.65 -12.11 -14.06
N PHE A 72 10.91 -11.78 -13.76
CA PHE A 72 11.66 -12.56 -12.78
C PHE A 72 12.18 -11.74 -11.60
N PRO A 73 11.44 -11.74 -10.49
CA PRO A 73 11.83 -11.00 -9.28
C PRO A 73 12.94 -11.79 -8.61
N HIS A 74 13.92 -11.08 -8.04
CA HIS A 74 15.05 -11.73 -7.37
C HIS A 74 14.59 -12.67 -6.27
N PRO A 75 15.13 -13.89 -6.28
CA PRO A 75 14.81 -14.95 -5.30
C PRO A 75 15.05 -14.55 -3.84
N GLY A 76 15.62 -13.38 -3.60
CA GLY A 76 15.89 -12.96 -2.24
C GLY A 76 14.88 -12.00 -1.63
N PHE A 77 14.19 -11.20 -2.45
CA PHE A 77 13.21 -10.25 -1.95
C PHE A 77 12.04 -10.90 -1.23
N ASN A 78 11.94 -10.63 0.08
CA ASN A 78 10.86 -11.17 0.90
C ASN A 78 9.52 -10.54 0.54
N MET A 79 8.84 -11.16 -0.41
CA MET A 79 7.53 -10.69 -0.88
C MET A 79 6.51 -10.55 0.25
N SER A 80 6.64 -11.37 1.30
CA SER A 80 5.72 -11.34 2.44
C SER A 80 5.57 -9.94 3.04
N LEU A 81 6.67 -9.20 3.09
CA LEU A 81 6.64 -7.84 3.62
C LEU A 81 5.58 -6.99 2.93
N LEU A 82 5.35 -7.26 1.64
CA LEU A 82 4.38 -6.52 0.83
C LEU A 82 2.93 -6.63 1.25
N MET A 83 2.58 -7.73 1.92
CA MET A 83 1.21 -7.96 2.37
C MET A 83 0.96 -7.31 3.72
N LEU A 84 2.03 -7.14 4.50
CA LEU A 84 1.91 -6.56 5.83
C LEU A 84 1.35 -5.14 5.74
N GLN A 85 0.47 -4.78 6.67
CA GLN A 85 -0.11 -3.45 6.66
C GLN A 85 0.86 -2.37 7.17
N THR A 86 1.82 -2.78 8.01
CA THR A 86 2.84 -1.86 8.55
C THR A 86 4.18 -2.57 8.55
N ILE A 87 5.26 -1.82 8.33
CA ILE A 87 6.60 -2.39 8.31
C ILE A 87 7.13 -2.59 9.72
N PRO A 88 7.43 -3.84 10.09
CA PRO A 88 7.95 -4.02 11.44
C PRO A 88 9.38 -3.51 11.50
N PRO A 89 9.84 -3.12 12.71
CA PRO A 89 11.21 -2.63 12.88
C PRO A 89 12.12 -3.79 12.54
N GLY A 90 13.22 -3.50 11.84
CA GLY A 90 14.13 -4.56 11.48
C GLY A 90 13.82 -5.25 10.16
N ALA A 91 12.72 -4.89 9.51
CA ALA A 91 12.35 -5.49 8.23
C ALA A 91 13.47 -5.27 7.21
N ASP A 92 13.94 -6.36 6.62
CA ASP A 92 15.03 -6.35 5.63
C ASP A 92 14.50 -6.29 4.19
N PHE A 93 14.64 -5.15 3.51
CA PHE A 93 14.18 -5.02 2.13
C PHE A 93 15.29 -5.26 1.12
N SER A 94 16.23 -6.14 1.44
CA SER A 94 17.32 -6.41 0.52
C SER A 94 16.85 -7.05 -0.78
N ASP A 95 17.70 -6.98 -1.80
CA ASP A 95 17.44 -7.58 -3.11
C ASP A 95 16.18 -7.10 -3.84
N ASP A 96 15.87 -5.81 -3.72
CA ASP A 96 14.69 -5.25 -4.36
C ASP A 96 14.91 -5.12 -5.87
N LEU A 97 15.05 -6.25 -6.57
CA LEU A 97 15.32 -6.21 -8.01
C LEU A 97 14.44 -7.18 -8.78
N MET A 98 14.07 -6.80 -10.01
CA MET A 98 13.23 -7.64 -10.87
C MET A 98 13.46 -7.35 -12.36
N LEU A 99 13.67 -8.42 -13.14
CA LEU A 99 13.89 -8.33 -14.58
C LEU A 99 12.61 -8.59 -15.37
N LEU A 100 12.44 -7.86 -16.46
CA LEU A 100 11.25 -7.99 -17.30
C LEU A 100 11.57 -8.38 -18.75
N ARG A 101 11.16 -9.58 -19.13
CA ARG A 101 11.38 -10.09 -20.48
C ARG A 101 10.35 -9.45 -21.42
N LEU A 102 10.82 -8.83 -22.49
CA LEU A 102 9.93 -8.16 -23.46
C LEU A 102 9.32 -9.14 -24.48
N SER A 103 8.10 -8.82 -24.94
CA SER A 103 7.42 -9.66 -25.92
C SER A 103 8.12 -9.50 -27.26
N LYS A 104 8.30 -8.24 -27.66
CA LYS A 104 8.93 -7.90 -28.91
C LYS A 104 10.07 -6.93 -28.63
N PRO A 105 11.31 -7.32 -28.98
CA PRO A 105 12.50 -6.50 -28.76
C PRO A 105 12.38 -5.04 -29.21
N ALA A 106 13.14 -4.20 -28.52
CA ALA A 106 13.18 -2.76 -28.74
C ALA A 106 14.16 -2.38 -29.81
N ASP A 107 13.71 -1.48 -30.66
CA ASP A 107 14.53 -0.99 -31.74
C ASP A 107 15.41 0.11 -31.21
N ILE A 108 16.71 -0.05 -31.40
CA ILE A 108 17.68 0.93 -30.93
C ILE A 108 17.82 2.15 -31.83
N THR A 109 17.17 3.23 -31.44
CA THR A 109 17.22 4.48 -32.18
C THR A 109 18.11 5.42 -31.36
N ASP A 110 18.16 6.71 -31.71
CA ASP A 110 18.95 7.64 -30.93
C ASP A 110 18.19 8.05 -29.67
N VAL A 111 16.92 7.66 -29.61
CA VAL A 111 16.05 7.99 -28.48
C VAL A 111 15.82 6.81 -27.53
N VAL A 112 16.20 5.60 -27.97
CA VAL A 112 16.02 4.38 -27.16
C VAL A 112 17.30 3.55 -27.15
N LYS A 113 18.12 3.72 -26.12
CA LYS A 113 19.39 2.99 -26.00
C LYS A 113 19.60 2.45 -24.60
N PRO A 114 20.28 1.29 -24.50
CA PRO A 114 20.60 0.60 -23.26
C PRO A 114 21.74 1.30 -22.49
N ILE A 115 22.11 0.74 -21.34
CA ILE A 115 23.24 1.23 -20.53
C ILE A 115 23.86 -0.01 -19.94
N ALA A 116 25.17 0.01 -19.77
CA ALA A 116 25.89 -1.13 -19.25
C ALA A 116 25.81 -1.19 -17.74
N LEU A 117 25.98 -2.39 -17.21
CA LEU A 117 25.99 -2.60 -15.77
C LEU A 117 27.41 -2.23 -15.35
N PRO A 118 27.60 -1.80 -14.10
CA PRO A 118 28.94 -1.40 -13.63
C PRO A 118 29.90 -2.54 -13.33
N THR A 119 31.18 -2.18 -13.30
CA THR A 119 32.26 -3.11 -12.99
C THR A 119 33.02 -2.37 -11.90
N LYS A 120 32.88 -1.05 -11.91
CA LYS A 120 33.52 -0.18 -10.92
C LYS A 120 32.60 -0.17 -9.68
N GLU A 121 33.18 -0.38 -8.51
CA GLU A 121 32.39 -0.35 -7.29
C GLU A 121 32.28 1.13 -6.90
N PRO A 122 31.19 1.51 -6.23
CA PRO A 122 31.00 2.91 -5.83
C PRO A 122 31.75 3.38 -4.58
N LYS A 123 32.17 4.64 -4.61
CA LYS A 123 32.87 5.24 -3.49
C LYS A 123 32.11 6.50 -3.05
N PRO A 124 31.89 6.66 -1.73
CA PRO A 124 31.17 7.85 -1.25
C PRO A 124 31.73 9.16 -1.77
N GLY A 125 30.96 10.22 -1.66
CA GLY A 125 31.39 11.51 -2.13
C GLY A 125 30.92 11.75 -3.55
N SER A 126 30.84 10.67 -4.33
CA SER A 126 30.42 10.73 -5.72
C SER A 126 29.12 11.46 -5.99
N LYS A 127 29.01 12.04 -7.17
CA LYS A 127 27.80 12.74 -7.56
C LYS A 127 26.98 11.75 -8.42
N CYS A 128 25.70 11.60 -8.09
CA CYS A 128 24.83 10.68 -8.82
C CYS A 128 23.59 11.38 -9.35
N LEU A 129 22.99 10.81 -10.38
CA LEU A 129 21.78 11.37 -10.97
C LEU A 129 20.69 10.32 -10.89
N ALA A 130 19.46 10.77 -10.70
CA ALA A 130 18.33 9.88 -10.64
C ALA A 130 17.22 10.61 -11.39
N SER A 131 16.33 9.85 -12.00
CA SER A 131 15.26 10.45 -12.74
C SER A 131 14.00 9.59 -12.73
N GLY A 132 12.88 10.21 -13.13
CA GLY A 132 11.62 9.50 -13.19
C GLY A 132 10.46 10.45 -13.13
N TRP A 133 9.24 9.92 -13.19
CA TRP A 133 8.06 10.74 -13.14
C TRP A 133 7.36 10.56 -11.79
N GLY A 134 8.17 10.39 -10.76
CA GLY A 134 7.64 10.25 -9.41
C GLY A 134 7.09 11.59 -8.97
N SER A 135 6.42 11.61 -7.82
CA SER A 135 5.85 12.84 -7.32
C SER A 135 6.91 13.94 -7.27
N ILE A 136 6.48 15.15 -7.60
CA ILE A 136 7.33 16.32 -7.56
C ILE A 136 7.02 17.07 -6.27
N THR A 137 6.10 16.53 -5.49
CA THR A 137 5.74 17.11 -4.18
C THR A 137 6.10 16.01 -3.18
N PRO A 138 6.59 16.41 -2.00
CA PRO A 138 7.00 15.48 -0.94
C PRO A 138 5.95 14.53 -0.35
N THR A 139 4.68 14.80 -0.60
CA THR A 139 3.61 13.96 -0.08
C THR A 139 2.43 13.93 -1.05
N TRP A 141 0.38 13.62 -3.45
CA TRP A 141 1.43 13.38 -4.50
C TRP A 141 1.11 14.27 -5.71
N GLN A 142 1.89 14.16 -6.77
CA GLN A 142 1.65 14.95 -7.97
C GLN A 142 2.70 14.59 -8.99
N LYS A 143 2.26 13.89 -10.03
CA LYS A 143 3.16 13.48 -11.09
C LYS A 143 3.33 14.58 -12.13
N PRO A 144 4.54 14.70 -12.70
CA PRO A 144 4.85 15.71 -13.69
C PRO A 144 4.66 15.19 -15.10
N ASP A 145 4.53 16.13 -16.04
CA ASP A 145 4.36 15.74 -17.41
C ASP A 145 5.76 15.34 -17.87
N ASP A 146 6.72 16.26 -17.70
CA ASP A 146 8.10 16.04 -18.12
C ASP A 146 8.90 15.20 -17.14
N LEU A 147 9.80 14.38 -17.70
CA LEU A 147 10.69 13.53 -16.93
C LEU A 147 11.60 14.42 -16.08
N GLN A 148 11.75 14.07 -14.81
CA GLN A 148 12.57 14.85 -13.89
C GLN A 148 13.93 14.23 -13.66
N CYS A 149 14.92 15.09 -13.42
CA CYS A 149 16.30 14.70 -13.14
C CYS A 149 16.75 15.43 -11.90
N VAL A 150 17.66 14.84 -11.14
CA VAL A 150 18.18 15.47 -9.93
C VAL A 150 19.58 14.93 -9.63
N PHE A 151 20.38 15.76 -8.94
CA PHE A 151 21.76 15.43 -8.54
C PHE A 151 21.86 15.28 -7.04
N ILE A 152 22.41 14.16 -6.59
CA ILE A 152 22.53 13.87 -5.17
C ILE A 152 23.91 13.26 -4.85
N THR A 153 24.28 13.23 -3.58
CA THR A 153 25.57 12.69 -3.19
C THR A 153 25.50 11.30 -2.57
N LEU A 154 26.40 10.42 -2.99
CA LEU A 154 26.46 9.06 -2.48
C LEU A 154 27.07 9.13 -1.10
N LEU A 155 26.32 8.69 -0.10
CA LEU A 155 26.78 8.72 1.29
C LEU A 155 27.11 7.34 1.82
N PRO A 156 27.93 7.28 2.89
CA PRO A 156 28.25 5.95 3.43
C PRO A 156 26.97 5.40 4.08
N ASN A 157 26.82 4.08 4.11
CA ASN A 157 25.63 3.47 4.69
C ASN A 157 25.25 3.90 6.12
N GLU A 158 26.22 4.23 6.97
CA GLU A 158 25.89 4.62 8.34
C GLU A 158 24.96 5.83 8.41
N ASN A 159 24.96 6.66 7.37
CA ASN A 159 24.10 7.82 7.36
C ASN A 159 22.64 7.39 7.35
N CYS A 160 22.34 6.36 6.57
CA CYS A 160 20.99 5.82 6.47
C CYS A 160 20.61 4.95 7.67
N ALA A 161 21.52 4.08 8.08
CA ALA A 161 21.27 3.19 9.19
C ALA A 161 20.87 3.92 10.47
N LYS A 162 21.50 5.07 10.71
CA LYS A 162 21.25 5.89 11.90
C LYS A 162 19.79 6.18 12.07
N VAL A 163 19.17 6.58 10.96
CA VAL A 163 17.76 6.95 10.96
C VAL A 163 16.72 5.92 10.54
N TYR A 164 17.13 4.83 9.91
CA TYR A 164 16.17 3.81 9.47
C TYR A 164 15.97 2.68 10.47
N LEU A 165 14.71 2.36 10.73
CA LEU A 165 14.39 1.27 11.65
C LEU A 165 14.61 -0.07 10.95
N GLN A 166 14.58 -0.03 9.61
CA GLN A 166 14.79 -1.24 8.83
C GLN A 166 16.29 -1.46 8.66
N LYS A 167 16.66 -2.68 8.30
CA LYS A 167 18.05 -3.06 8.10
C LYS A 167 18.66 -2.42 6.85
N VAL A 168 19.87 -1.90 6.99
CA VAL A 168 20.56 -1.31 5.86
C VAL A 168 21.72 -2.26 5.65
N THR A 169 21.77 -2.89 4.48
CA THR A 169 22.81 -3.88 4.19
C THR A 169 23.85 -3.54 3.12
N ASP A 170 24.74 -4.49 2.85
CA ASP A 170 25.81 -4.36 1.85
C ASP A 170 25.23 -4.24 0.46
N VAL A 171 24.08 -4.86 0.25
CA VAL A 171 23.45 -4.82 -1.07
C VAL A 171 22.66 -3.54 -1.26
N MET A 172 22.83 -2.61 -0.32
CA MET A 172 22.15 -1.33 -0.38
C MET A 172 23.15 -0.18 -0.47
N LEU A 173 22.64 0.95 -0.92
CA LEU A 173 23.42 2.17 -1.05
C LEU A 173 22.61 3.27 -0.39
N CYS A 174 23.31 4.24 0.15
CA CYS A 174 22.69 5.36 0.85
C CYS A 174 23.00 6.61 0.04
N ALA A 175 21.99 7.32 -0.44
CA ALA A 175 22.23 8.51 -1.22
C ALA A 175 21.16 9.57 -1.05
N GLY A 176 21.56 10.82 -1.28
CA GLY A 176 20.64 11.95 -1.17
C GLY A 176 21.40 13.22 -0.85
N GLU A 177 20.82 14.05 0.01
CA GLU A 177 21.43 15.30 0.44
C GLU A 177 21.01 15.48 1.87
N MET A 178 21.98 15.50 2.76
CA MET A 178 21.71 15.64 4.18
C MET A 178 20.92 16.90 4.47
N GLY A 179 21.11 17.95 3.68
CA GLY A 179 20.39 19.19 3.88
C GLY A 179 18.90 19.08 3.58
N GLY A 180 18.51 18.03 2.86
CA GLY A 180 17.12 17.82 2.51
C GLY A 180 16.75 18.59 1.25
N GLY A 181 15.51 18.44 0.79
CA GLY A 181 15.05 19.16 -0.40
C GLY A 181 15.18 18.50 -1.76
N LYS A 182 16.13 17.58 -1.89
CA LYS A 182 16.37 16.86 -3.14
C LYS A 182 16.37 15.38 -2.79
N ASP A 183 15.62 14.59 -3.57
CA ASP A 183 15.47 13.17 -3.30
C ASP A 183 14.53 12.57 -4.36
N THR A 184 14.37 11.25 -4.33
CA THR A 184 13.44 10.58 -5.23
C THR A 184 12.16 10.44 -4.41
N CYS A 185 11.03 10.35 -5.08
CA CYS A 185 9.78 10.25 -4.36
C CYS A 185 8.96 9.05 -4.86
N ARG A 186 7.70 8.98 -4.40
CA ARG A 186 6.77 7.90 -4.76
C ARG A 186 6.64 7.74 -6.27
N ASP A 187 6.74 6.49 -6.71
CA ASP A 187 6.65 6.10 -8.13
C ASP A 187 7.88 6.32 -8.97
N ASP A 188 9.02 6.58 -8.31
CA ASP A 188 10.32 6.74 -8.95
C ASP A 188 11.07 5.39 -8.86
N SER A 189 10.54 4.50 -8.02
CA SER A 189 11.09 3.16 -7.77
C SER A 189 11.49 2.50 -9.06
N GLY A 190 12.54 1.68 -9.02
CA GLY A 190 12.99 1.00 -10.21
C GLY A 190 13.81 1.82 -11.17
N GLY A 191 13.69 3.15 -11.10
CA GLY A 191 14.46 4.02 -11.98
C GLY A 191 15.95 3.87 -11.72
N PRO A 192 16.80 4.48 -12.55
CA PRO A 192 18.26 4.40 -12.40
C PRO A 192 18.97 5.45 -11.54
N LEU A 193 20.15 5.06 -11.03
CA LEU A 193 21.01 5.92 -10.23
C LEU A 193 22.34 5.91 -10.97
N ILE A 194 22.67 7.06 -11.56
CA ILE A 194 23.87 7.26 -12.35
C ILE A 194 24.93 8.03 -11.57
N CYS A 195 25.98 7.34 -11.12
CA CYS A 195 27.07 7.98 -10.37
C CYS A 195 28.31 8.09 -11.24
N ASP A 196 28.68 9.33 -11.60
CA ASP A 196 29.84 9.59 -12.45
C ASP A 196 29.65 8.99 -13.83
N GLY A 197 28.48 9.23 -14.42
CA GLY A 197 28.15 8.72 -15.75
C GLY A 197 28.03 7.20 -15.79
N ILE A 198 27.98 6.58 -14.61
CA ILE A 198 27.89 5.13 -14.49
C ILE A 198 26.65 4.71 -13.69
N LEU A 199 26.00 3.64 -14.14
CA LEU A 199 24.82 3.09 -13.49
C LEU A 199 25.24 2.29 -12.27
N GLN A 200 24.95 2.81 -11.09
CA GLN A 200 25.32 2.14 -9.85
C GLN A 200 24.19 1.44 -9.07
N GLY A 201 22.95 1.81 -9.36
CA GLY A 201 21.85 1.18 -8.66
C GLY A 201 20.48 1.66 -9.08
N THR A 202 19.47 1.15 -8.38
CA THR A 202 18.09 1.50 -8.67
C THR A 202 17.37 2.04 -7.43
N THR A 203 16.39 2.90 -7.68
CA THR A 203 15.57 3.50 -6.62
C THR A 203 14.78 2.39 -5.92
N SER A 204 15.07 2.17 -4.65
CA SER A 204 14.38 1.16 -3.87
C SER A 204 13.29 1.84 -3.04
N TYR A 205 13.70 2.57 -2.00
CA TYR A 205 12.77 3.31 -1.14
C TYR A 205 13.47 4.44 -0.37
N GLY A 206 12.70 5.32 0.25
CA GLY A 206 13.29 6.41 0.99
C GLY A 206 12.35 6.92 2.07
N PRO A 207 12.60 8.10 2.63
CA PRO A 207 11.68 8.54 3.66
C PRO A 207 10.42 9.15 3.09
N VAL A 208 9.45 9.32 3.97
CA VAL A 208 8.18 9.93 3.63
C VAL A 208 7.97 10.91 4.78
N PRO A 209 7.96 12.22 4.51
CA PRO A 209 8.12 12.94 3.23
C PRO A 209 9.43 12.69 2.52
N CYS A 210 9.42 12.86 1.21
CA CYS A 210 10.60 12.70 0.39
C CYS A 210 11.44 13.95 0.63
N GLY A 211 12.75 13.78 0.64
CA GLY A 211 13.63 14.92 0.85
C GLY A 211 13.70 15.39 2.28
N LYS A 212 13.43 14.49 3.23
CA LYS A 212 13.46 14.82 4.65
C LYS A 212 14.92 15.07 5.06
N PRO A 213 15.19 16.21 5.69
CA PRO A 213 16.57 16.54 6.10
C PRO A 213 17.18 15.52 7.04
N GLY A 214 18.39 15.10 6.73
CA GLY A 214 19.05 14.14 7.57
C GLY A 214 18.57 12.72 7.38
N VAL A 215 17.72 12.50 6.38
CA VAL A 215 17.21 11.17 6.09
C VAL A 215 17.34 10.94 4.59
N PRO A 216 18.48 10.38 4.16
CA PRO A 216 18.67 10.10 2.73
C PRO A 216 17.80 8.91 2.28
N ALA A 217 18.05 8.38 1.09
CA ALA A 217 17.26 7.27 0.56
C ALA A 217 18.11 6.04 0.20
N ILE A 218 17.44 4.90 0.09
CA ILE A 218 18.09 3.61 -0.23
C ILE A 218 18.05 3.24 -1.72
N TYR A 219 19.11 2.63 -2.20
CA TYR A 219 19.18 2.23 -3.60
C TYR A 219 19.86 0.88 -3.62
N THR A 220 19.55 0.04 -4.60
CA THR A 220 20.18 -1.27 -4.65
C THR A 220 21.62 -1.15 -5.14
N ASN A 221 22.51 -1.88 -4.48
CA ASN A 221 23.94 -1.88 -4.82
C ASN A 221 24.14 -2.85 -5.99
N LEU A 222 23.72 -2.43 -7.17
CA LEU A 222 23.81 -3.25 -8.38
C LEU A 222 25.02 -4.13 -8.57
N ILE A 223 26.20 -3.63 -8.23
CA ILE A 223 27.43 -4.39 -8.37
C ILE A 223 27.30 -5.80 -7.78
N LYS A 224 26.57 -5.91 -6.68
CA LYS A 224 26.38 -7.19 -6.01
C LYS A 224 25.42 -8.14 -6.73
N PHE A 225 24.74 -7.64 -7.75
CA PHE A 225 23.79 -8.47 -8.48
C PHE A 225 24.15 -8.81 -9.92
N ASN A 226 25.38 -8.50 -10.31
CA ASN A 226 25.83 -8.76 -11.67
C ASN A 226 25.73 -10.23 -12.10
N SER A 227 26.34 -11.13 -11.33
CA SER A 227 26.31 -12.56 -11.63
C SER A 227 24.88 -13.00 -11.90
N TRP A 228 24.02 -12.69 -10.95
CA TRP A 228 22.63 -13.06 -11.04
C TRP A 228 22.01 -12.47 -12.29
N ILE A 229 22.13 -11.17 -12.45
CA ILE A 229 21.55 -10.46 -13.59
C ILE A 229 21.92 -11.14 -14.92
N LYS A 230 23.20 -11.40 -15.12
CA LYS A 230 23.66 -12.04 -16.34
C LYS A 230 23.08 -13.45 -16.52
N ASP A 231 23.14 -14.25 -15.46
CA ASP A 231 22.61 -15.60 -15.52
C ASP A 231 21.14 -15.58 -15.94
N THR A 232 20.31 -14.80 -15.25
CA THR A 232 18.89 -14.73 -15.59
C THR A 232 18.58 -14.39 -17.04
N MET A 233 19.46 -13.63 -17.71
CA MET A 233 19.23 -13.28 -19.11
C MET A 233 19.76 -14.40 -20.00
N MET A 234 20.96 -14.86 -19.69
CA MET A 234 21.63 -15.91 -20.42
C MET A 234 20.93 -17.28 -20.36
N LYS A 235 20.65 -17.76 -19.15
CA LYS A 235 19.99 -19.06 -18.94
C LYS A 235 18.59 -19.12 -19.53
N ASN A 236 17.79 -18.13 -19.17
CA ASN A 236 16.44 -18.06 -19.63
C ASN A 236 16.36 -17.42 -21.00
N ALA A 237 15.21 -16.79 -21.25
CA ALA A 237 14.85 -16.12 -22.48
C ALA A 237 15.98 -15.56 -23.35
N VAL B 1 -12.87 8.49 9.50
CA VAL B 1 -14.02 8.60 8.55
C VAL B 1 -14.00 10.04 8.06
N VAL B 2 -14.53 10.29 6.88
CA VAL B 2 -14.53 11.64 6.33
C VAL B 2 -15.94 12.21 6.34
N GLY B 3 -16.08 13.43 6.86
CA GLY B 3 -17.37 14.11 6.92
C GLY B 3 -18.26 13.69 8.09
N GLY B 4 -17.65 13.00 9.05
CA GLY B 4 -18.38 12.53 10.21
C GLY B 4 -18.38 13.52 11.36
N PHE B 5 -18.60 13.01 12.57
CA PHE B 5 -18.64 13.84 13.76
C PHE B 5 -18.13 13.03 14.94
N ASN B 6 -17.90 13.71 16.07
CA ASN B 6 -17.41 13.06 17.28
C ASN B 6 -18.52 12.23 17.85
N CYS B 7 -18.30 10.92 17.90
CA CYS B 7 -19.27 10.03 18.48
C CYS B 7 -19.44 10.48 19.92
N GLU B 8 -20.56 10.15 20.55
CA GLU B 8 -20.75 10.52 21.94
C GLU B 8 -19.87 9.65 22.82
N LYS B 9 -19.44 10.20 23.94
CA LYS B 9 -18.60 9.47 24.87
C LYS B 9 -19.21 8.11 25.19
N ASN B 10 -18.47 7.05 24.86
CA ASN B 10 -18.87 5.66 25.15
C ASN B 10 -20.16 5.15 24.49
N SER B 11 -20.58 5.81 23.42
CA SER B 11 -21.79 5.40 22.72
C SER B 11 -21.60 4.11 21.92
N GLN B 12 -20.38 3.83 21.49
CA GLN B 12 -20.07 2.65 20.70
C GLN B 12 -19.17 1.73 21.50
N PRO B 13 -19.70 1.08 22.55
CA PRO B 13 -18.97 0.18 23.43
C PRO B 13 -18.35 -1.06 22.79
N TRP B 14 -18.82 -1.42 21.61
CA TRP B 14 -18.32 -2.60 20.88
C TRP B 14 -17.16 -2.25 19.96
N GLN B 15 -16.95 -0.95 19.73
CA GLN B 15 -15.89 -0.46 18.85
C GLN B 15 -14.51 -0.84 19.40
N VAL B 16 -13.69 -1.44 18.55
CA VAL B 16 -12.36 -1.87 18.93
C VAL B 16 -11.30 -1.13 18.14
N ALA B 17 -10.11 -1.04 18.73
CA ALA B 17 -8.95 -0.40 18.14
C ALA B 17 -7.90 -1.50 18.01
N VAL B 18 -7.55 -1.87 16.77
CA VAL B 18 -6.56 -2.91 16.56
C VAL B 18 -5.18 -2.29 16.29
N TYR B 19 -4.18 -2.80 17.00
CA TYR B 19 -2.81 -2.33 16.93
C TYR B 19 -1.81 -3.42 16.54
N TYR B 20 -0.70 -2.95 15.97
CA TYR B 20 0.44 -3.79 15.67
C TYR B 20 1.45 -3.09 16.58
N GLN B 21 1.56 -3.62 17.80
CA GLN B 21 2.42 -3.05 18.84
C GLN B 21 1.87 -1.70 19.30
N LYS B 22 2.58 -0.61 19.03
CA LYS B 22 2.15 0.71 19.48
C LYS B 22 1.45 1.50 18.39
N GLU B 23 1.28 0.88 17.23
CA GLU B 23 0.66 1.58 16.13
C GLU B 23 -0.76 1.11 15.79
N HIS B 24 -1.70 2.06 15.77
CA HIS B 24 -3.07 1.71 15.42
C HIS B 24 -3.06 1.38 13.94
N ILE B 25 -3.75 0.31 13.57
CA ILE B 25 -3.83 -0.11 12.17
C ILE B 25 -5.24 -0.35 11.66
N CYS B 26 -6.16 -0.71 12.55
CA CYS B 26 -7.54 -0.99 12.15
C CYS B 26 -8.60 -0.82 13.22
N GLY B 27 -9.84 -1.02 12.80
CA GLY B 27 -10.98 -0.97 13.68
C GLY B 27 -11.42 -2.41 13.88
N GLY B 28 -12.34 -2.66 14.80
CA GLY B 28 -12.80 -4.01 15.05
C GLY B 28 -14.13 -3.98 15.79
N VAL B 29 -14.70 -5.15 16.04
CA VAL B 29 -15.98 -5.23 16.72
C VAL B 29 -15.87 -6.32 17.76
N LEU B 30 -16.27 -6.00 18.99
CA LEU B 30 -16.24 -6.97 20.07
C LEU B 30 -17.53 -7.83 20.04
N LEU B 31 -17.39 -9.13 19.84
CA LEU B 31 -18.53 -10.05 19.77
C LEU B 31 -18.76 -10.85 21.04
N ASP B 32 -17.69 -11.22 21.71
CA ASP B 32 -17.78 -12.02 22.92
C ASP B 32 -16.56 -11.69 23.76
N ARG B 33 -16.58 -12.09 25.03
CA ARG B 33 -15.46 -11.83 25.95
C ARG B 33 -14.07 -12.17 25.39
N ASN B 34 -13.98 -13.22 24.58
CA ASN B 34 -12.70 -13.65 24.02
C ASN B 34 -12.59 -13.50 22.53
N TRP B 35 -13.60 -12.91 21.91
CA TRP B 35 -13.59 -12.78 20.47
C TRP B 35 -13.87 -11.41 19.88
N VAL B 36 -12.96 -10.96 19.01
CA VAL B 36 -13.07 -9.69 18.34
C VAL B 36 -13.09 -9.97 16.84
N LEU B 37 -13.84 -9.15 16.10
CA LEU B 37 -13.99 -9.30 14.66
C LEU B 37 -13.38 -8.10 13.91
N THR B 38 -12.60 -8.38 12.87
CA THR B 38 -11.96 -7.35 12.06
C THR B 38 -11.81 -7.86 10.61
N ALA B 39 -11.17 -7.05 9.76
CA ALA B 39 -10.94 -7.37 8.36
C ALA B 39 -9.75 -8.32 8.16
N ALA B 40 -9.88 -9.25 7.22
CA ALA B 40 -8.79 -10.17 6.96
C ALA B 40 -7.61 -9.41 6.36
N HIS B 41 -7.85 -8.25 5.78
CA HIS B 41 -6.75 -7.49 5.20
C HIS B 41 -5.86 -6.69 6.20
N CYS B 42 -6.18 -6.73 7.49
CA CYS B 42 -5.35 -6.06 8.48
C CYS B 42 -4.32 -7.12 8.80
N TYR B 43 -3.33 -7.23 7.93
CA TYR B 43 -2.33 -8.26 8.07
C TYR B 43 -1.01 -7.84 8.69
N VAL B 44 -0.73 -8.34 9.89
CA VAL B 44 0.52 -8.08 10.58
C VAL B 44 0.90 -9.36 11.36
N ASP B 45 2.12 -9.38 11.87
CA ASP B 45 2.61 -10.55 12.59
C ASP B 45 2.01 -10.78 13.99
N GLN B 46 1.77 -9.71 14.74
CA GLN B 46 1.24 -9.84 16.09
C GLN B 46 0.15 -8.81 16.25
N TYR B 47 -0.86 -9.13 17.07
CA TYR B 47 -1.98 -8.24 17.30
C TYR B 47 -2.19 -7.88 18.76
N GLU B 48 -2.63 -6.65 18.98
CA GLU B 48 -2.98 -6.14 20.30
C GLU B 48 -4.27 -5.36 20.07
N VAL B 49 -5.12 -5.28 21.08
CA VAL B 49 -6.37 -4.55 20.92
C VAL B 49 -6.70 -3.68 22.13
N TRP B 50 -7.40 -2.58 21.86
CA TRP B 50 -7.82 -1.66 22.89
C TRP B 50 -9.33 -1.56 22.85
N LEU B 51 -9.94 -1.72 24.02
CA LEU B 51 -11.39 -1.69 24.17
C LEU B 51 -11.75 -0.50 25.06
N GLY B 52 -12.94 0.06 24.88
CA GLY B 52 -13.35 1.19 25.68
C GLY B 52 -12.66 2.52 25.37
N LYS B 53 -12.00 2.63 24.21
CA LYS B 53 -11.32 3.86 23.84
C LYS B 53 -12.28 4.88 23.20
N ASN B 54 -11.98 6.15 23.40
CA ASN B 54 -12.73 7.26 22.81
C ASN B 54 -11.67 8.17 22.20
N LYS B 55 -10.57 8.34 22.93
CA LYS B 55 -9.45 9.16 22.50
C LYS B 55 -8.39 8.15 22.09
N LEU B 56 -7.97 8.15 20.83
CA LEU B 56 -6.97 7.20 20.38
C LEU B 56 -5.58 7.49 20.92
N PHE B 57 -5.30 8.76 21.15
CA PHE B 57 -3.98 9.13 21.62
C PHE B 57 -3.84 9.51 23.08
N GLN B 58 -4.91 9.39 23.83
CA GLN B 58 -4.84 9.74 25.25
C GLN B 58 -5.22 8.50 26.04
N GLU B 59 -4.52 8.23 27.14
CA GLU B 59 -4.83 7.06 27.94
C GLU B 59 -6.01 7.26 28.88
N GLU B 60 -7.10 6.54 28.64
CA GLU B 60 -8.30 6.62 29.46
C GLU B 60 -8.27 5.44 30.43
N PRO B 61 -8.41 5.74 31.73
CA PRO B 61 -8.39 4.70 32.77
C PRO B 61 -9.49 3.66 32.65
N SER B 62 -10.59 3.99 31.99
CA SER B 62 -11.69 3.05 31.84
C SER B 62 -11.59 2.18 30.59
N ALA B 63 -10.45 2.25 29.92
CA ALA B 63 -10.21 1.47 28.71
C ALA B 63 -9.62 0.14 29.10
N GLN B 64 -9.44 -0.75 28.15
CA GLN B 64 -8.91 -2.06 28.44
C GLN B 64 -7.95 -2.50 27.36
N HIS B 65 -6.77 -2.95 27.78
CA HIS B 65 -5.76 -3.40 26.85
C HIS B 65 -5.74 -4.91 26.92
N ARG B 66 -5.52 -5.55 25.78
CA ARG B 66 -5.49 -7.00 25.72
C ARG B 66 -4.61 -7.50 24.59
N LEU B 67 -4.03 -8.69 24.77
CA LEU B 67 -3.20 -9.30 23.77
C LEU B 67 -4.03 -10.36 23.04
N VAL B 68 -3.62 -10.68 21.81
CA VAL B 68 -4.33 -11.66 21.00
C VAL B 68 -3.54 -12.97 20.90
N SER B 69 -4.16 -14.07 21.28
CA SER B 69 -3.51 -15.37 21.24
C SER B 69 -3.51 -16.05 19.88
N LYS B 70 -4.49 -15.77 19.03
CA LYS B 70 -4.53 -16.41 17.72
C LYS B 70 -5.51 -15.71 16.79
N SER B 71 -5.19 -15.69 15.51
CA SER B 71 -6.06 -15.06 14.51
C SER B 71 -6.58 -16.10 13.49
N PHE B 72 -7.85 -16.00 13.14
CA PHE B 72 -8.45 -16.93 12.21
C PHE B 72 -9.05 -16.17 11.03
N PRO B 73 -8.24 -15.93 9.99
CA PRO B 73 -8.70 -15.22 8.80
C PRO B 73 -9.61 -16.15 8.03
N HIS B 74 -10.66 -15.62 7.45
CA HIS B 74 -11.59 -16.44 6.70
C HIS B 74 -10.77 -17.15 5.62
N PRO B 75 -10.97 -18.47 5.44
CA PRO B 75 -10.25 -19.26 4.44
C PRO B 75 -10.56 -18.89 3.00
N GLY B 76 -11.53 -18.01 2.81
CA GLY B 76 -11.93 -17.61 1.47
C GLY B 76 -11.28 -16.34 0.96
N PHE B 77 -10.67 -15.54 1.84
CA PHE B 77 -10.03 -14.30 1.41
C PHE B 77 -8.77 -14.63 0.60
N ASN B 78 -8.65 -14.03 -0.57
CA ASN B 78 -7.50 -14.27 -1.41
C ASN B 78 -6.33 -13.40 -0.90
N MET B 79 -5.47 -13.97 -0.05
CA MET B 79 -4.34 -13.23 0.49
C MET B 79 -3.37 -12.73 -0.56
N SER B 80 -3.23 -13.48 -1.65
CA SER B 80 -2.32 -13.13 -2.75
C SER B 80 -2.55 -11.73 -3.32
N LEU B 81 -3.77 -11.23 -3.21
CA LEU B 81 -4.06 -9.90 -3.72
C LEU B 81 -3.30 -8.79 -2.99
N LEU B 82 -2.91 -9.05 -1.74
CA LEU B 82 -2.20 -8.08 -0.93
C LEU B 82 -0.82 -7.71 -1.46
N MET B 83 -0.13 -8.65 -2.08
CA MET B 83 1.20 -8.39 -2.62
C MET B 83 1.16 -7.48 -3.84
N LEU B 84 -0.03 -7.32 -4.41
CA LEU B 84 -0.19 -6.50 -5.61
C LEU B 84 -0.21 -5.00 -5.36
N GLN B 85 0.64 -4.28 -6.07
CA GLN B 85 0.70 -2.82 -5.97
C GLN B 85 -0.49 -2.12 -6.60
N THR B 86 -1.12 -2.80 -7.56
CA THR B 86 -2.32 -2.27 -8.22
C THR B 86 -3.31 -3.41 -8.31
N ILE B 87 -4.59 -3.06 -8.13
CA ILE B 87 -5.68 -4.04 -8.17
C ILE B 87 -6.02 -4.40 -9.62
N PRO B 88 -5.99 -5.70 -9.94
CA PRO B 88 -6.31 -6.13 -11.30
C PRO B 88 -7.82 -6.08 -11.53
N PRO B 89 -8.25 -5.62 -12.71
CA PRO B 89 -9.69 -5.55 -13.00
C PRO B 89 -10.31 -6.92 -12.77
N GLY B 90 -11.46 -6.93 -12.11
CA GLY B 90 -12.15 -8.17 -11.83
C GLY B 90 -11.68 -8.85 -10.55
N ALA B 91 -10.78 -8.24 -9.79
CA ALA B 91 -10.32 -8.85 -8.55
C ALA B 91 -11.47 -9.00 -7.55
N ASP B 92 -11.49 -10.13 -6.89
CA ASP B 92 -12.52 -10.47 -5.93
C ASP B 92 -11.99 -10.35 -4.49
N PHE B 93 -12.57 -9.44 -3.74
CA PHE B 93 -12.16 -9.23 -2.34
C PHE B 93 -13.24 -9.72 -1.37
N SER B 94 -13.93 -10.80 -1.75
CA SER B 94 -14.95 -11.34 -0.88
C SER B 94 -14.30 -12.02 0.30
N ASP B 95 -15.07 -12.19 1.37
CA ASP B 95 -14.61 -12.87 2.56
C ASP B 95 -13.57 -12.14 3.37
N ASP B 96 -13.70 -10.82 3.41
CA ASP B 96 -12.75 -10.00 4.15
C ASP B 96 -13.02 -9.96 5.66
N LEU B 97 -12.99 -11.13 6.30
CA LEU B 97 -13.22 -11.29 7.74
C LEU B 97 -12.05 -11.99 8.38
N MET B 98 -11.94 -11.83 9.69
CA MET B 98 -10.89 -12.45 10.46
C MET B 98 -11.30 -12.36 11.93
N LEU B 99 -11.10 -13.46 12.66
CA LEU B 99 -11.43 -13.51 14.09
C LEU B 99 -10.14 -13.48 14.90
N LEU B 100 -10.17 -12.77 16.04
CA LEU B 100 -9.02 -12.67 16.93
C LEU B 100 -9.43 -13.13 18.33
N ARG B 101 -8.75 -14.15 18.85
CA ARG B 101 -9.04 -14.68 20.17
C ARG B 101 -8.14 -14.02 21.21
N LEU B 102 -8.75 -13.26 22.11
CA LEU B 102 -7.98 -12.58 23.16
C LEU B 102 -7.37 -13.61 24.12
N SER B 103 -6.15 -13.35 24.57
CA SER B 103 -5.45 -14.23 25.49
C SER B 103 -6.13 -14.23 26.85
N LYS B 104 -6.60 -13.06 27.27
CA LYS B 104 -7.26 -12.88 28.54
C LYS B 104 -8.64 -12.27 28.29
N PRO B 105 -9.72 -12.91 28.79
CA PRO B 105 -11.09 -12.43 28.61
C PRO B 105 -11.20 -10.97 28.97
N ALA B 106 -12.15 -10.29 28.35
CA ALA B 106 -12.38 -8.87 28.60
C ALA B 106 -13.48 -8.71 29.64
N ASP B 107 -13.43 -7.61 30.39
CA ASP B 107 -14.43 -7.36 31.42
C ASP B 107 -15.57 -6.48 30.91
N ILE B 108 -16.72 -7.10 30.70
CA ILE B 108 -17.90 -6.37 30.24
C ILE B 108 -18.29 -5.41 31.34
N THR B 109 -18.35 -4.13 31.00
CA THR B 109 -18.70 -3.08 31.94
C THR B 109 -19.71 -2.14 31.28
N ASP B 110 -19.65 -0.88 31.66
CA ASP B 110 -20.53 0.13 31.10
C ASP B 110 -19.82 0.59 29.84
N VAL B 111 -18.48 0.62 29.93
CA VAL B 111 -17.61 1.08 28.85
C VAL B 111 -17.36 0.06 27.73
N VAL B 112 -17.35 -1.22 28.08
CA VAL B 112 -17.09 -2.29 27.11
C VAL B 112 -18.26 -3.27 27.07
N LYS B 113 -18.80 -3.48 25.87
CA LYS B 113 -19.95 -4.37 25.68
C LYS B 113 -19.93 -4.95 24.27
N PRO B 114 -20.13 -6.28 24.14
CA PRO B 114 -20.11 -6.86 22.79
C PRO B 114 -21.42 -6.49 22.10
N ILE B 115 -21.52 -6.81 20.83
CA ILE B 115 -22.73 -6.54 20.08
C ILE B 115 -23.12 -7.86 19.41
N ALA B 116 -24.41 -8.11 19.27
CA ALA B 116 -24.89 -9.35 18.70
C ALA B 116 -24.83 -9.44 17.19
N LEU B 117 -24.61 -10.64 16.68
CA LEU B 117 -24.58 -10.88 15.25
C LEU B 117 -25.98 -10.56 14.72
N PRO B 118 -26.08 -10.20 13.44
CA PRO B 118 -27.40 -9.88 12.89
C PRO B 118 -28.24 -11.13 12.62
N THR B 119 -29.56 -10.94 12.60
CA THR B 119 -30.49 -12.01 12.37
C THR B 119 -31.28 -11.78 11.09
N LYS B 120 -31.59 -10.51 10.82
CA LYS B 120 -32.32 -10.14 9.62
C LYS B 120 -31.34 -9.82 8.50
N GLU B 121 -31.87 -9.74 7.28
CA GLU B 121 -31.06 -9.40 6.13
C GLU B 121 -31.12 -7.90 5.91
N PRO B 122 -30.01 -7.29 5.46
CA PRO B 122 -29.98 -5.85 5.22
C PRO B 122 -30.98 -5.40 4.17
N LYS B 123 -31.74 -4.35 4.48
CA LYS B 123 -32.72 -3.81 3.56
C LYS B 123 -32.27 -2.47 3.01
N PRO B 124 -32.13 -2.36 1.68
CA PRO B 124 -31.71 -1.10 1.07
C PRO B 124 -32.54 0.10 1.51
N GLY B 125 -31.91 1.26 1.43
CA GLY B 125 -32.55 2.50 1.86
C GLY B 125 -32.28 2.76 3.33
N SER B 126 -31.88 1.71 4.05
CA SER B 126 -31.58 1.80 5.46
C SER B 126 -30.51 2.82 5.81
N LYS B 127 -30.71 3.44 6.97
CA LYS B 127 -29.80 4.45 7.53
C LYS B 127 -28.81 3.64 8.39
N CYS B 128 -27.51 3.74 8.07
CA CYS B 128 -26.45 3.01 8.80
C CYS B 128 -25.38 3.90 9.42
N LEU B 129 -24.79 3.47 10.54
CA LEU B 129 -23.72 4.21 11.19
C LEU B 129 -22.39 3.49 11.05
N ALA B 130 -21.36 4.23 10.67
CA ALA B 130 -20.01 3.69 10.53
C ALA B 130 -19.13 4.45 11.53
N SER B 131 -18.15 3.80 12.12
CA SER B 131 -17.30 4.48 13.10
C SER B 131 -15.83 4.05 13.07
N GLY B 132 -14.94 4.95 13.49
CA GLY B 132 -13.53 4.63 13.51
C GLY B 132 -12.57 5.79 13.70
N TRP B 133 -11.29 5.48 13.73
CA TRP B 133 -10.21 6.46 13.89
C TRP B 133 -9.45 6.52 12.58
N GLY B 134 -10.12 6.16 11.49
CA GLY B 134 -9.50 6.21 10.18
C GLY B 134 -9.28 7.66 9.81
N SER B 135 -8.57 7.89 8.71
CA SER B 135 -8.27 9.24 8.28
C SER B 135 -9.48 10.15 8.20
N ILE B 136 -9.28 11.43 8.51
CA ILE B 136 -10.35 12.45 8.42
C ILE B 136 -10.18 13.27 7.13
N THR B 137 -9.07 13.04 6.43
CA THR B 137 -8.76 13.70 5.18
C THR B 137 -8.87 12.62 4.10
N PRO B 138 -9.50 12.93 2.95
CA PRO B 138 -9.65 11.97 1.85
C PRO B 138 -8.37 11.37 1.28
N THR B 139 -7.25 12.05 1.50
CA THR B 139 -5.97 11.55 1.03
C THR B 139 -4.89 11.84 2.08
N TRP B 141 -3.27 11.65 4.54
CA TRP B 141 -3.91 10.92 5.66
C TRP B 141 -3.66 11.70 6.94
N GLN B 142 -4.68 11.75 7.80
CA GLN B 142 -4.61 12.48 9.06
C GLN B 142 -5.63 11.88 10.01
N LYS B 143 -5.17 11.11 10.98
CA LYS B 143 -6.06 10.49 11.94
C LYS B 143 -6.53 11.43 13.05
N PRO B 144 -7.67 11.12 13.67
CA PRO B 144 -8.18 11.94 14.75
C PRO B 144 -7.89 11.30 16.11
N ASP B 145 -8.05 12.08 17.15
CA ASP B 145 -7.84 11.60 18.51
C ASP B 145 -9.20 10.94 18.81
N ASP B 146 -10.26 11.74 18.81
CA ASP B 146 -11.60 11.25 19.09
C ASP B 146 -12.20 10.32 18.02
N LEU B 147 -12.89 9.28 18.49
CA LEU B 147 -13.55 8.32 17.61
C LEU B 147 -14.57 9.08 16.76
N GLN B 148 -14.60 8.78 15.47
CA GLN B 148 -15.52 9.45 14.56
C GLN B 148 -16.68 8.56 14.16
N CYS B 149 -17.84 9.19 13.92
CA CYS B 149 -19.10 8.54 13.54
C CYS B 149 -19.68 9.19 12.29
N VAL B 150 -20.28 8.40 11.40
CA VAL B 150 -20.90 8.95 10.19
C VAL B 150 -22.17 8.18 9.90
N PHE B 151 -23.11 8.84 9.26
CA PHE B 151 -24.36 8.21 8.88
C PHE B 151 -24.37 8.06 7.37
N ILE B 152 -24.72 6.88 6.88
CA ILE B 152 -24.75 6.62 5.45
C ILE B 152 -25.96 5.78 5.05
N THR B 153 -26.17 5.62 3.75
CA THR B 153 -27.31 4.84 3.26
C THR B 153 -26.91 3.51 2.65
N LEU B 154 -27.71 2.48 2.93
CA LEU B 154 -27.46 1.17 2.36
C LEU B 154 -28.06 1.20 0.96
N LEU B 155 -27.23 0.93 -0.05
CA LEU B 155 -27.66 0.97 -1.43
C LEU B 155 -27.56 -0.40 -2.08
N PRO B 156 -28.31 -0.61 -3.17
CA PRO B 156 -28.28 -1.89 -3.86
C PRO B 156 -26.87 -2.15 -4.40
N ASN B 157 -26.44 -3.41 -4.40
CA ASN B 157 -25.12 -3.77 -4.87
C ASN B 157 -24.84 -3.23 -6.26
N GLU B 158 -25.88 -3.18 -7.08
CA GLU B 158 -25.81 -2.70 -8.45
C GLU B 158 -25.06 -1.37 -8.50
N ASN B 159 -25.41 -0.48 -7.57
CA ASN B 159 -24.79 0.85 -7.48
C ASN B 159 -23.28 0.79 -7.40
N CYS B 160 -22.79 -0.14 -6.61
CA CYS B 160 -21.36 -0.31 -6.44
C CYS B 160 -20.71 -1.01 -7.61
N ALA B 161 -21.33 -2.09 -8.08
CA ALA B 161 -20.80 -2.88 -9.19
C ALA B 161 -20.68 -2.07 -10.46
N LYS B 162 -21.51 -1.04 -10.56
CA LYS B 162 -21.53 -0.16 -11.71
C LYS B 162 -20.24 0.66 -11.77
N VAL B 163 -19.78 1.14 -10.62
CA VAL B 163 -18.59 2.00 -10.55
C VAL B 163 -17.23 1.39 -10.18
N TYR B 164 -17.18 0.13 -9.79
CA TYR B 164 -15.90 -0.49 -9.43
C TYR B 164 -15.43 -1.43 -10.52
N LEU B 165 -14.11 -1.65 -10.60
CA LEU B 165 -13.54 -2.56 -11.57
C LEU B 165 -13.44 -3.94 -10.93
N GLN B 166 -13.49 -3.99 -9.60
CA GLN B 166 -13.41 -5.24 -8.87
C GLN B 166 -14.76 -5.91 -8.84
N LYS B 167 -14.78 -7.20 -8.53
CA LYS B 167 -16.04 -7.92 -8.47
C LYS B 167 -16.81 -7.56 -7.22
N VAL B 168 -18.09 -7.24 -7.38
CA VAL B 168 -18.95 -6.96 -6.24
C VAL B 168 -19.83 -8.21 -6.14
N THR B 169 -19.64 -8.98 -5.07
CA THR B 169 -20.38 -10.23 -4.88
C THR B 169 -21.46 -10.17 -3.79
N ASP B 170 -22.16 -11.30 -3.61
CA ASP B 170 -23.25 -11.46 -2.63
C ASP B 170 -22.85 -11.29 -1.18
N VAL B 171 -21.60 -11.62 -0.87
CA VAL B 171 -21.11 -11.50 0.50
C VAL B 171 -20.56 -10.08 0.76
N MET B 172 -21.00 -9.12 -0.03
CA MET B 172 -20.57 -7.74 0.13
C MET B 172 -21.82 -6.87 0.27
N LEU B 173 -21.64 -5.64 0.73
CA LEU B 173 -22.75 -4.70 0.90
C LEU B 173 -22.27 -3.40 0.28
N CYS B 174 -23.20 -2.56 -0.09
CA CYS B 174 -22.85 -1.30 -0.72
C CYS B 174 -23.50 -0.20 0.09
N ALA B 175 -22.72 0.81 0.47
CA ALA B 175 -23.27 1.92 1.24
C ALA B 175 -22.45 3.18 1.16
N GLY B 176 -23.12 4.32 1.30
CA GLY B 176 -22.44 5.59 1.24
C GLY B 176 -23.42 6.70 0.98
N GLU B 177 -22.91 7.79 0.44
CA GLU B 177 -23.75 8.93 0.11
C GLU B 177 -23.43 9.22 -1.33
N MET B 178 -24.44 9.27 -2.18
CA MET B 178 -24.19 9.53 -3.59
C MET B 178 -23.60 10.92 -3.77
N GLY B 179 -23.98 11.82 -2.87
CA GLY B 179 -23.48 13.18 -2.93
C GLY B 179 -22.01 13.24 -2.55
N GLY B 180 -21.46 12.12 -2.08
CA GLY B 180 -20.07 12.07 -1.68
C GLY B 180 -19.82 12.96 -0.48
N GLY B 181 -18.58 12.95 0.01
CA GLY B 181 -18.25 13.79 1.14
C GLY B 181 -18.31 13.08 2.48
N LYS B 182 -19.10 12.02 2.58
CA LYS B 182 -19.22 11.25 3.81
C LYS B 182 -18.87 9.81 3.41
N ASP B 183 -17.92 9.21 4.12
CA ASP B 183 -17.47 7.87 3.78
C ASP B 183 -16.45 7.42 4.82
N THR B 184 -16.14 6.13 4.87
CA THR B 184 -15.12 5.67 5.78
C THR B 184 -13.82 5.91 5.02
N CYS B 185 -12.67 5.72 5.66
CA CYS B 185 -11.38 6.01 5.00
C CYS B 185 -10.22 5.18 5.54
N ARG B 186 -9.01 5.48 5.09
CA ARG B 186 -7.85 4.70 5.51
C ARG B 186 -7.75 4.42 7.00
N ASP B 187 -7.73 3.13 7.32
CA ASP B 187 -7.64 2.60 8.67
C ASP B 187 -8.94 2.49 9.46
N ASP B 188 -10.04 2.60 8.75
CA ASP B 188 -11.36 2.43 9.37
C ASP B 188 -11.68 0.93 9.25
N SER B 189 -10.89 0.25 8.41
CA SER B 189 -11.02 -1.18 8.14
C SER B 189 -11.41 -2.00 9.36
N GLY B 190 -12.20 -3.04 9.14
CA GLY B 190 -12.63 -3.92 10.23
C GLY B 190 -13.69 -3.33 11.12
N GLY B 191 -13.88 -2.02 11.06
CA GLY B 191 -14.87 -1.35 11.86
C GLY B 191 -16.28 -1.82 11.61
N PRO B 192 -17.20 -1.50 12.53
CA PRO B 192 -18.60 -1.92 12.42
C PRO B 192 -19.45 -1.00 11.54
N LEU B 193 -20.49 -1.58 10.98
CA LEU B 193 -21.47 -0.87 10.16
C LEU B 193 -22.77 -1.34 10.80
N ILE B 194 -23.47 -0.42 11.42
CA ILE B 194 -24.72 -0.72 12.12
C ILE B 194 -25.90 -0.03 11.44
N CYS B 195 -26.88 -0.81 11.03
CA CYS B 195 -28.05 -0.26 10.36
C CYS B 195 -29.29 -0.47 11.20
N ASP B 196 -30.07 0.61 11.37
CA ASP B 196 -31.29 0.59 12.15
C ASP B 196 -31.04 -0.10 13.49
N GLY B 197 -29.88 0.20 14.07
CA GLY B 197 -29.53 -0.35 15.36
C GLY B 197 -28.98 -1.76 15.39
N ILE B 198 -28.68 -2.34 14.23
CA ILE B 198 -28.15 -3.69 14.19
C ILE B 198 -26.87 -3.82 13.39
N LEU B 199 -25.95 -4.66 13.86
CA LEU B 199 -24.68 -4.88 13.19
C LEU B 199 -24.96 -5.61 11.89
N GLN B 200 -24.70 -4.96 10.76
CA GLN B 200 -24.94 -5.59 9.45
C GLN B 200 -23.67 -6.00 8.72
N GLY B 201 -22.58 -5.31 9.00
CA GLY B 201 -21.35 -5.67 8.32
C GLY B 201 -20.19 -4.85 8.81
N THR B 202 -19.02 -5.08 8.21
CA THR B 202 -17.80 -4.36 8.58
C THR B 202 -17.12 -3.70 7.37
N THR B 203 -16.40 -2.61 7.61
CA THR B 203 -15.67 -1.84 6.59
C THR B 203 -14.59 -2.70 5.93
N SER B 204 -14.54 -2.63 4.61
CA SER B 204 -13.60 -3.43 3.84
C SER B 204 -12.76 -2.53 2.92
N TYR B 205 -13.34 -2.04 1.83
CA TYR B 205 -12.60 -1.16 0.92
C TYR B 205 -13.51 -0.10 0.31
N GLY B 206 -12.90 0.93 -0.25
CA GLY B 206 -13.64 2.03 -0.84
C GLY B 206 -12.84 2.82 -1.86
N PRO B 207 -13.39 3.95 -2.35
CA PRO B 207 -12.71 4.78 -3.34
C PRO B 207 -11.49 5.52 -2.83
N VAL B 208 -10.62 5.85 -3.79
CA VAL B 208 -9.41 6.60 -3.55
C VAL B 208 -9.64 7.79 -4.46
N PRO B 209 -9.89 8.99 -3.90
CA PRO B 209 -9.98 9.35 -2.48
C PRO B 209 -11.28 8.91 -1.85
N CYS B 210 -11.35 9.00 -0.53
CA CYS B 210 -12.52 8.60 0.20
C CYS B 210 -13.63 9.61 0.01
N GLY B 211 -14.87 9.16 -0.02
CA GLY B 211 -16.00 10.06 -0.18
C GLY B 211 -16.21 10.57 -1.60
N LYS B 212 -15.52 9.95 -2.55
CA LYS B 212 -15.65 10.30 -3.96
C LYS B 212 -17.13 10.29 -4.30
N PRO B 213 -17.61 11.35 -4.96
CA PRO B 213 -19.03 11.43 -5.34
C PRO B 213 -19.46 10.35 -6.33
N GLY B 214 -20.54 9.65 -5.98
CA GLY B 214 -21.05 8.61 -6.83
C GLY B 214 -20.43 7.24 -6.67
N VAL B 215 -19.36 7.14 -5.87
CA VAL B 215 -18.73 5.85 -5.65
C VAL B 215 -18.90 5.43 -4.19
N PRO B 216 -19.90 4.58 -3.92
CA PRO B 216 -20.16 4.09 -2.56
C PRO B 216 -18.98 3.23 -2.08
N ALA B 217 -19.08 2.68 -0.88
CA ALA B 217 -18.02 1.85 -0.33
C ALA B 217 -18.52 0.43 -0.12
N ILE B 218 -17.58 -0.52 -0.05
CA ILE B 218 -17.87 -1.93 0.11
C ILE B 218 -17.68 -2.40 1.56
N TYR B 219 -18.68 -3.09 2.10
CA TYR B 219 -18.69 -3.64 3.47
C TYR B 219 -19.04 -5.11 3.38
N THR B 220 -18.67 -5.89 4.38
CA THR B 220 -18.99 -7.32 4.33
C THR B 220 -20.44 -7.56 4.76
N ASN B 221 -21.12 -8.45 4.04
CA ASN B 221 -22.50 -8.81 4.34
C ASN B 221 -22.41 -9.85 5.45
N LEU B 222 -22.49 -9.42 6.69
CA LEU B 222 -22.34 -10.33 7.83
C LEU B 222 -23.25 -11.52 7.96
N ILE B 223 -24.49 -11.37 7.54
CA ILE B 223 -25.44 -12.46 7.65
C ILE B 223 -24.91 -13.73 6.94
N LYS B 224 -24.26 -13.54 5.80
CA LYS B 224 -23.73 -14.66 5.03
C LYS B 224 -22.61 -15.42 5.72
N PHE B 225 -22.02 -14.84 6.77
CA PHE B 225 -20.91 -15.49 7.47
C PHE B 225 -21.19 -16.04 8.87
N ASN B 226 -22.42 -15.82 9.34
CA ASN B 226 -22.84 -16.26 10.68
C ASN B 226 -22.42 -17.67 11.06
N SER B 227 -22.60 -18.63 10.18
CA SER B 227 -22.24 -20.01 10.46
C SER B 227 -20.74 -20.15 10.73
N TRP B 228 -19.94 -19.71 9.77
CA TRP B 228 -18.49 -19.81 9.91
C TRP B 228 -17.96 -19.18 11.18
N ILE B 229 -18.50 -18.02 11.54
CA ILE B 229 -18.05 -17.36 12.74
C ILE B 229 -18.33 -18.27 13.91
N LYS B 230 -19.61 -18.53 14.18
CA LYS B 230 -20.04 -19.39 15.29
C LYS B 230 -19.28 -20.72 15.35
N ASP B 231 -19.13 -21.35 14.20
CA ASP B 231 -18.42 -22.61 14.12
C ASP B 231 -17.01 -22.45 14.67
N THR B 232 -16.33 -21.37 14.25
CA THR B 232 -14.97 -21.07 14.69
C THR B 232 -14.87 -20.76 16.19
N MET B 233 -15.85 -20.03 16.72
CA MET B 233 -15.87 -19.67 18.13
C MET B 233 -16.00 -20.90 19.01
N MET B 234 -17.02 -21.69 18.70
CA MET B 234 -17.31 -22.91 19.42
C MET B 234 -16.20 -23.95 19.30
N LYS B 235 -15.68 -24.14 18.09
CA LYS B 235 -14.62 -25.12 17.90
C LYS B 235 -13.28 -24.72 18.50
N ASN B 236 -13.11 -23.44 18.80
CA ASN B 236 -11.83 -22.99 19.33
C ASN B 236 -11.83 -22.52 20.77
N ALA B 237 -11.87 -23.49 21.68
CA ALA B 237 -11.87 -23.28 23.12
C ALA B 237 -12.42 -21.91 23.59
#